data_6COH
#
_entry.id   6COH
#
_cell.length_a   50.277
_cell.length_b   87.463
_cell.length_c   123.990
_cell.angle_alpha   90.000
_cell.angle_beta   90.000
_cell.angle_gamma   90.000
#
_symmetry.space_group_name_H-M   'P 21 21 21'
#
loop_
_entity.id
_entity.type
_entity.pdbx_description
1 polymer 'Alpha-hydroxynitrile lyase'
2 non-polymer (2R)-hydroxy(phenyl)ethanenitrile
3 non-polymer GLYCEROL
4 non-polymer benzaldehyde
5 water water
#
_entity_poly.entity_id   1
_entity_poly.type   'polypeptide(L)'
_entity_poly.pdbx_seq_one_letter_code
;MERKHHFVLVHNACHGAWIWYKLKPLLESAGHRVTAVELAASGIDPRPIQAVETVDEYSKPLIETLKSLPENEEVILVGF
SFGGINIALAADIFPAKIKVLVFLNAFLPDTTHVPSHVLDKLMEMFGGWGDTEFSSHETRNGTMSLLKMGPKFMKARLYQ
NCPIEDYELAKMLHRQGSFFTEDLSKKEKFSEEGYGSVQRVYVMSSEDKIIPCDFIRWMIDNFNVSKVYEIDGGDHMVML
SKPQKLFDSLSAIATDYMGL
;
_entity_poly.pdbx_strand_id   A,B
#
loop_
_chem_comp.id
_chem_comp.type
_chem_comp.name
_chem_comp.formula
GOL non-polymer GLYCEROL 'C3 H8 O3'
HBX non-polymer benzaldehyde 'C7 H6 O'
MXN non-polymer (2R)-hydroxy(phenyl)ethanenitrile 'C8 H7 N O'
#
# COMPACT_ATOMS: atom_id res chain seq x y z
N MET A 1 -17.39 15.83 -28.18
CA MET A 1 -16.50 15.24 -27.15
C MET A 1 -15.75 14.00 -27.74
N GLU A 2 -14.40 14.02 -27.77
CA GLU A 2 -13.59 12.98 -28.52
C GLU A 2 -13.75 11.54 -28.04
N ARG A 3 -13.14 10.63 -28.80
CA ARG A 3 -12.96 9.27 -28.36
C ARG A 3 -12.07 9.27 -27.09
N LYS A 4 -12.50 8.52 -26.09
CA LYS A 4 -11.68 8.14 -24.93
C LYS A 4 -10.99 6.80 -25.14
N HIS A 5 -9.96 6.56 -24.34
CA HIS A 5 -9.18 5.34 -24.42
C HIS A 5 -9.16 4.58 -23.09
N HIS A 6 -8.64 3.36 -23.18
CA HIS A 6 -8.35 2.51 -22.09
C HIS A 6 -6.83 2.44 -21.90
N PHE A 7 -6.38 2.83 -20.69
CA PHE A 7 -4.97 2.88 -20.30
C PHE A 7 -4.74 1.74 -19.33
N VAL A 8 -3.76 0.91 -19.66
CA VAL A 8 -3.30 -0.12 -18.80
C VAL A 8 -1.98 0.36 -18.23
N LEU A 9 -1.93 0.49 -16.89
CA LEU A 9 -0.77 1.00 -16.14
C LEU A 9 0.03 -0.14 -15.45
N VAL A 10 1.35 -0.13 -15.70
CA VAL A 10 2.30 -1.17 -15.27
C VAL A 10 3.46 -0.63 -14.42
N HIS A 11 3.43 -0.96 -13.14
CA HIS A 11 4.45 -0.46 -12.20
C HIS A 11 5.86 -1.12 -12.33
N ASN A 12 6.79 -0.52 -11.60
CA ASN A 12 8.17 -0.91 -11.48
C ASN A 12 8.42 -2.00 -10.43
N ALA A 13 9.62 -2.56 -10.48
CA ALA A 13 10.13 -3.53 -9.48
C ALA A 13 10.16 -2.94 -8.09
N CYS A 14 9.83 -3.80 -7.13
CA CYS A 14 9.76 -3.46 -5.71
C CYS A 14 8.52 -2.59 -5.24
N HIS A 15 7.65 -2.26 -6.18
CA HIS A 15 6.47 -1.44 -5.92
C HIS A 15 5.18 -2.24 -6.31
N GLY A 16 4.04 -1.60 -6.46
CA GLY A 16 2.82 -2.26 -6.85
C GLY A 16 1.86 -1.29 -7.49
N ALA A 17 0.63 -1.75 -7.73
CA ALA A 17 -0.43 -0.94 -8.32
C ALA A 17 -0.65 0.41 -7.56
N TRP A 18 -0.41 0.40 -6.27
CA TRP A 18 -0.61 1.59 -5.42
C TRP A 18 0.03 2.83 -5.95
N ILE A 19 1.12 2.74 -6.70
CA ILE A 19 1.86 3.96 -7.14
C ILE A 19 1.03 4.94 -8.00
N TRP A 20 -0.06 4.42 -8.57
CA TRP A 20 -0.90 5.08 -9.50
C TRP A 20 -2.09 5.71 -8.87
N TYR A 21 -2.05 5.96 -7.57
CA TYR A 21 -3.25 6.30 -6.84
C TYR A 21 -3.64 7.72 -7.11
N LYS A 22 -2.69 8.55 -7.55
CA LYS A 22 -3.02 9.95 -7.90
C LYS A 22 -3.35 10.12 -9.36
N LEU A 23 -2.65 9.38 -10.22
CA LEU A 23 -2.87 9.45 -11.64
C LEU A 23 -4.22 8.82 -12.05
N LYS A 24 -4.60 7.70 -11.44
CA LYS A 24 -5.82 7.00 -11.88
C LYS A 24 -7.09 7.88 -11.84
N PRO A 25 -7.44 8.50 -10.70
CA PRO A 25 -8.56 9.44 -10.77
C PRO A 25 -8.42 10.62 -11.71
N LEU A 26 -7.22 11.11 -12.01
CA LEU A 26 -7.10 12.15 -13.07
C LEU A 26 -7.55 11.64 -14.46
N LEU A 27 -7.05 10.48 -14.87
CA LEU A 27 -7.47 9.89 -16.09
C LEU A 27 -9.00 9.57 -16.14
N GLU A 28 -9.55 9.08 -15.03
CA GLU A 28 -10.96 8.64 -15.07
C GLU A 28 -11.89 9.80 -15.08
N SER A 29 -11.46 10.88 -14.43
CA SER A 29 -12.30 12.06 -14.36
C SER A 29 -12.29 12.82 -15.69
N ALA A 30 -11.34 12.53 -16.60
CA ALA A 30 -11.39 13.06 -17.97
C ALA A 30 -12.09 12.09 -18.97
N GLY A 31 -12.75 11.03 -18.49
CA GLY A 31 -13.53 10.17 -19.38
C GLY A 31 -12.85 8.87 -19.71
N HIS A 32 -11.57 8.69 -19.35
CA HIS A 32 -10.79 7.50 -19.80
C HIS A 32 -11.07 6.35 -18.90
N ARG A 33 -10.73 5.18 -19.36
CA ARG A 33 -10.70 3.98 -18.55
C ARG A 33 -9.24 3.62 -18.13
N VAL A 34 -9.07 2.99 -16.98
CA VAL A 34 -7.76 2.71 -16.38
C VAL A 34 -7.82 1.37 -15.65
N THR A 35 -6.91 0.47 -15.99
CA THR A 35 -6.64 -0.71 -15.24
C THR A 35 -5.20 -0.61 -14.77
N ALA A 36 -5.00 -0.56 -13.45
CA ALA A 36 -3.67 -0.60 -12.79
C ALA A 36 -3.33 -2.04 -12.40
N VAL A 37 -2.45 -2.70 -13.17
CA VAL A 37 -2.12 -4.12 -12.95
C VAL A 37 -1.27 -4.28 -11.70
N GLU A 38 -1.44 -5.40 -11.02
CA GLU A 38 -0.52 -5.81 -9.98
C GLU A 38 0.24 -7.07 -10.42
N LEU A 39 1.55 -7.01 -10.47
CA LEU A 39 2.41 -8.08 -10.98
C LEU A 39 2.64 -9.08 -9.88
N ALA A 40 3.17 -10.24 -10.26
CA ALA A 40 3.41 -11.32 -9.28
C ALA A 40 4.42 -10.82 -8.24
N ALA A 41 4.15 -11.19 -6.98
CA ALA A 41 5.00 -10.88 -5.83
C ALA A 41 5.22 -9.39 -5.51
N SER A 42 4.23 -8.62 -5.87
CA SER A 42 4.31 -7.16 -5.88
C SER A 42 3.09 -6.66 -5.13
N GLY A 43 3.21 -5.51 -4.49
CA GLY A 43 2.15 -4.91 -3.66
C GLY A 43 1.62 -5.85 -2.60
N ILE A 44 0.30 -6.08 -2.68
CA ILE A 44 -0.34 -7.03 -1.72
C ILE A 44 -0.46 -8.49 -2.17
N ASP A 45 0.02 -8.81 -3.36
CA ASP A 45 0.15 -10.19 -3.87
C ASP A 45 0.73 -11.12 -2.81
N PRO A 46 0.05 -12.23 -2.60
CA PRO A 46 0.38 -13.11 -1.49
C PRO A 46 1.75 -13.88 -1.63
N ARG A 47 2.34 -13.97 -2.82
CA ARG A 47 3.65 -14.58 -3.02
C ARG A 47 4.91 -13.79 -2.70
N PRO A 48 5.92 -14.49 -2.25
CA PRO A 48 7.20 -13.84 -2.19
C PRO A 48 7.94 -13.91 -3.53
N ILE A 49 8.86 -12.99 -3.74
CA ILE A 49 9.52 -12.95 -5.02
C ILE A 49 10.32 -14.25 -5.31
N GLN A 50 10.86 -14.87 -4.29
CA GLN A 50 11.52 -16.19 -4.33
C GLN A 50 10.71 -17.21 -5.14
N ALA A 51 9.40 -17.19 -4.97
CA ALA A 51 8.52 -18.12 -5.69
C ALA A 51 8.27 -17.77 -7.15
N VAL A 52 8.61 -16.60 -7.59
CA VAL A 52 8.44 -16.20 -9.00
C VAL A 52 9.83 -16.28 -9.65
N GLU A 53 10.14 -17.30 -10.35
CA GLU A 53 11.55 -17.42 -10.69
C GLU A 53 11.92 -16.73 -12.03
N THR A 54 10.90 -16.45 -12.84
CA THR A 54 11.07 -16.00 -14.19
C THR A 54 10.22 -14.76 -14.46
N VAL A 55 10.67 -14.00 -15.45
CA VAL A 55 10.02 -12.76 -15.83
C VAL A 55 8.67 -13.03 -16.55
N ASP A 56 8.47 -14.24 -17.10
CA ASP A 56 7.15 -14.67 -17.57
C ASP A 56 6.12 -14.91 -16.46
N GLU A 57 6.50 -15.58 -15.38
CA GLU A 57 5.64 -15.69 -14.19
C GLU A 57 5.37 -14.32 -13.60
N TYR A 58 6.41 -13.48 -13.47
CA TYR A 58 6.24 -12.10 -12.96
C TYR A 58 5.20 -11.32 -13.79
N SER A 59 5.31 -11.40 -15.12
CA SER A 59 4.39 -10.67 -16.02
C SER A 59 3.02 -11.22 -16.22
N LYS A 60 2.78 -12.41 -15.74
CA LYS A 60 1.50 -13.08 -16.02
C LYS A 60 0.21 -12.29 -15.76
N PRO A 61 0.10 -11.59 -14.61
CA PRO A 61 -1.08 -10.77 -14.44
C PRO A 61 -1.26 -9.71 -15.55
N LEU A 62 -0.18 -9.16 -16.09
CA LEU A 62 -0.36 -8.27 -17.23
C LEU A 62 -0.92 -9.03 -18.46
N ILE A 63 -0.30 -10.14 -18.76
CA ILE A 63 -0.75 -11.01 -19.84
C ILE A 63 -2.23 -11.45 -19.69
N GLU A 64 -2.66 -11.79 -18.48
CA GLU A 64 -4.07 -12.12 -18.24
C GLU A 64 -5.02 -10.90 -18.44
N THR A 65 -4.60 -9.72 -18.05
CA THR A 65 -5.34 -8.54 -18.34
C THR A 65 -5.55 -8.33 -19.83
N LEU A 66 -4.53 -8.53 -20.64
CA LEU A 66 -4.74 -8.35 -22.11
C LEU A 66 -5.57 -9.43 -22.77
N LYS A 67 -5.40 -10.65 -22.32
CA LYS A 67 -6.20 -11.77 -22.80
C LYS A 67 -7.67 -11.64 -22.49
N SER A 68 -8.02 -11.08 -21.34
CA SER A 68 -9.40 -10.92 -21.01
C SER A 68 -10.10 -9.72 -21.76
N LEU A 69 -9.38 -8.85 -22.45
CA LEU A 69 -10.06 -7.76 -23.14
C LEU A 69 -10.97 -8.29 -24.28
N PRO A 70 -12.13 -7.63 -24.51
CA PRO A 70 -13.02 -8.08 -25.59
C PRO A 70 -12.38 -7.97 -26.98
N GLU A 71 -12.86 -8.79 -27.91
CA GLU A 71 -12.38 -8.83 -29.30
C GLU A 71 -12.20 -7.40 -29.88
N ASN A 72 -11.02 -7.11 -30.42
CA ASN A 72 -10.72 -5.85 -31.16
C ASN A 72 -10.49 -4.62 -30.33
N GLU A 73 -10.59 -4.73 -29.00
CA GLU A 73 -10.23 -3.61 -28.24
C GLU A 73 -8.68 -3.45 -28.20
N GLU A 74 -8.27 -2.19 -28.28
CA GLU A 74 -6.89 -1.78 -28.19
C GLU A 74 -6.68 -0.88 -26.98
N VAL A 75 -5.50 -0.96 -26.36
CA VAL A 75 -5.17 -0.12 -25.21
C VAL A 75 -3.94 0.74 -25.43
N ILE A 76 -3.79 1.76 -24.58
CA ILE A 76 -2.55 2.50 -24.45
C ILE A 76 -1.88 1.85 -23.23
N LEU A 77 -0.69 1.29 -23.43
CA LEU A 77 -0.06 0.49 -22.40
C LEU A 77 1.18 1.21 -21.90
N VAL A 78 1.17 1.51 -20.59
CA VAL A 78 2.14 2.39 -20.02
C VAL A 78 3.04 1.60 -19.09
N GLY A 79 4.34 1.77 -19.26
CA GLY A 79 5.29 0.92 -18.57
C GLY A 79 6.33 1.78 -17.91
N PHE A 80 6.41 1.69 -16.60
CA PHE A 80 7.28 2.54 -15.79
C PHE A 80 8.52 1.72 -15.33
N SER A 81 9.72 2.29 -15.56
CA SER A 81 11.05 1.78 -15.18
C SER A 81 11.24 0.33 -15.71
N PHE A 82 11.49 -0.66 -14.89
CA PHE A 82 11.42 -2.08 -15.29
C PHE A 82 10.07 -2.52 -15.98
N GLY A 83 9.00 -1.79 -15.76
CA GLY A 83 7.76 -2.02 -16.51
C GLY A 83 7.89 -1.88 -18.03
N GLY A 84 8.99 -1.23 -18.47
CA GLY A 84 9.28 -1.14 -19.85
C GLY A 84 9.55 -2.52 -20.44
N ILE A 85 10.26 -3.34 -19.67
CA ILE A 85 10.54 -4.71 -20.06
C ILE A 85 9.24 -5.54 -20.07
N ASN A 86 8.36 -5.31 -19.09
CA ASN A 86 7.11 -6.06 -19.02
C ASN A 86 6.27 -5.74 -20.26
N ILE A 87 6.21 -4.46 -20.66
CA ILE A 87 5.27 -4.08 -21.76
C ILE A 87 5.77 -4.57 -23.12
N ALA A 88 7.10 -4.70 -23.23
CA ALA A 88 7.73 -5.32 -24.38
C ALA A 88 7.41 -6.82 -24.55
N LEU A 89 7.41 -7.56 -23.44
CA LEU A 89 7.08 -8.99 -23.45
C LEU A 89 5.62 -9.11 -23.88
N ALA A 90 4.78 -8.30 -23.29
CA ALA A 90 3.35 -8.35 -23.66
C ALA A 90 3.11 -8.01 -25.17
N ALA A 91 3.80 -7.01 -25.67
CA ALA A 91 3.69 -6.60 -27.08
C ALA A 91 4.17 -7.63 -28.12
N ASP A 92 5.09 -8.47 -27.69
CA ASP A 92 5.53 -9.63 -28.47
C ASP A 92 4.47 -10.73 -28.49
N ILE A 93 3.58 -10.75 -27.51
CA ILE A 93 2.50 -11.73 -27.53
C ILE A 93 1.26 -11.23 -28.18
N PHE A 94 0.83 -10.02 -27.86
CA PHE A 94 -0.46 -9.46 -28.30
C PHE A 94 -0.26 -8.07 -29.00
N PRO A 95 0.56 -7.99 -30.04
CA PRO A 95 0.82 -6.68 -30.68
C PRO A 95 -0.40 -5.92 -31.14
N ALA A 96 -1.39 -6.64 -31.64
CA ALA A 96 -2.63 -6.05 -32.14
C ALA A 96 -3.60 -5.49 -31.06
N LYS A 97 -3.40 -5.84 -29.77
CA LYS A 97 -4.17 -5.21 -28.63
C LYS A 97 -3.63 -3.86 -28.13
N ILE A 98 -2.54 -3.36 -28.75
CA ILE A 98 -1.82 -2.19 -28.23
C ILE A 98 -1.74 -1.11 -29.28
N LYS A 99 -2.45 -0.01 -29.07
CA LYS A 99 -2.41 1.19 -29.88
C LYS A 99 -0.98 1.82 -29.86
N VAL A 100 -0.44 2.01 -28.66
CA VAL A 100 0.88 2.58 -28.49
C VAL A 100 1.47 2.17 -27.14
N LEU A 101 2.76 1.94 -27.13
CA LEU A 101 3.51 1.69 -25.89
C LEU A 101 4.06 3.02 -25.35
N VAL A 102 3.92 3.26 -24.04
CA VAL A 102 4.40 4.46 -23.41
C VAL A 102 5.44 4.00 -22.38
N PHE A 103 6.71 4.23 -22.72
CA PHE A 103 7.87 3.94 -21.90
C PHE A 103 8.08 5.17 -21.06
N LEU A 104 7.73 5.05 -19.78
CA LEU A 104 7.78 6.15 -18.84
C LEU A 104 8.99 6.02 -17.88
N ASN A 105 10.03 6.86 -18.04
CA ASN A 105 11.27 6.73 -17.24
C ASN A 105 11.62 5.21 -17.21
N ALA A 106 11.67 4.58 -18.38
CA ALA A 106 11.71 3.12 -18.48
C ALA A 106 12.88 2.55 -19.30
N PHE A 107 13.20 1.27 -19.04
CA PHE A 107 14.04 0.44 -19.86
C PHE A 107 13.32 0.17 -21.13
N LEU A 108 13.98 0.54 -22.21
CA LEU A 108 13.50 0.40 -23.57
C LEU A 108 14.48 -0.60 -24.24
N PRO A 109 14.06 -1.86 -24.36
CA PRO A 109 14.90 -2.89 -24.99
C PRO A 109 14.76 -2.81 -26.50
N ASP A 110 15.61 -3.54 -27.22
CA ASP A 110 15.72 -3.50 -28.70
C ASP A 110 15.51 -4.92 -29.19
N THR A 111 15.67 -5.17 -30.51
CA THR A 111 15.48 -6.51 -31.10
C THR A 111 16.74 -7.15 -31.70
N THR A 112 17.88 -6.65 -31.26
CA THR A 112 19.20 -7.01 -31.73
C THR A 112 19.98 -7.73 -30.65
N HIS A 113 20.10 -7.14 -29.47
CA HIS A 113 20.81 -7.77 -28.38
C HIS A 113 19.87 -8.62 -27.50
N VAL A 114 20.45 -9.35 -26.57
CA VAL A 114 19.65 -10.16 -25.69
C VAL A 114 18.77 -9.23 -24.82
N PRO A 115 17.63 -9.73 -24.33
CA PRO A 115 16.69 -8.87 -23.66
C PRO A 115 17.21 -8.23 -22.38
N SER A 116 18.21 -8.83 -21.72
CA SER A 116 18.85 -8.20 -20.56
C SER A 116 19.77 -6.98 -20.86
N HIS A 117 20.06 -6.70 -22.14
CA HIS A 117 21.10 -5.73 -22.56
C HIS A 117 20.95 -4.33 -21.91
N VAL A 118 19.76 -3.70 -21.92
CA VAL A 118 19.71 -2.32 -21.34
C VAL A 118 19.88 -2.34 -19.80
N LEU A 119 19.38 -3.41 -19.17
CA LEU A 119 19.64 -3.61 -17.75
C LEU A 119 21.11 -3.82 -17.39
N ASP A 120 21.84 -4.61 -18.16
CA ASP A 120 23.23 -4.87 -17.82
C ASP A 120 24.00 -3.56 -17.98
N LYS A 121 23.62 -2.74 -18.97
CA LYS A 121 24.37 -1.54 -19.22
C LYS A 121 24.18 -0.54 -18.05
N LEU A 122 22.97 -0.41 -17.56
CA LEU A 122 22.76 0.49 -16.45
C LEU A 122 23.48 0.04 -15.19
N MET A 123 23.40 -1.24 -14.92
CA MET A 123 24.03 -1.83 -13.79
C MET A 123 25.58 -1.67 -13.78
N GLU A 124 26.24 -1.57 -14.94
CA GLU A 124 27.69 -1.29 -15.03
C GLU A 124 28.01 0.18 -14.72
N MET A 125 27.02 1.02 -15.03
CA MET A 125 27.09 2.48 -14.99
C MET A 125 26.63 3.15 -13.68
N PHE A 126 25.82 2.53 -12.84
CA PHE A 126 25.20 3.28 -11.73
C PHE A 126 26.02 3.12 -10.41
N GLY A 127 26.43 4.22 -9.80
CA GLY A 127 27.30 4.17 -8.60
C GLY A 127 26.58 4.54 -7.29
N GLY A 128 25.29 4.76 -7.31
CA GLY A 128 24.67 5.26 -6.07
C GLY A 128 23.61 4.37 -5.46
N TRP A 129 23.93 3.10 -5.26
CA TRP A 129 23.01 2.17 -4.59
C TRP A 129 22.73 2.40 -3.07
N GLY A 130 23.66 3.02 -2.39
CA GLY A 130 23.42 3.45 -1.04
C GLY A 130 23.23 2.28 -0.08
N ASP A 131 22.21 2.36 0.76
CA ASP A 131 21.85 1.27 1.71
C ASP A 131 20.99 0.11 1.07
N THR A 132 20.89 0.03 -0.24
CA THR A 132 20.17 -1.05 -0.93
C THR A 132 20.86 -2.40 -0.59
N GLU A 133 20.05 -3.40 -0.28
CA GLU A 133 20.55 -4.71 0.09
CA GLU A 133 20.57 -4.70 0.10
C GLU A 133 20.35 -5.68 -1.08
N PHE A 134 21.42 -6.27 -1.55
CA PHE A 134 21.48 -7.25 -2.65
C PHE A 134 21.61 -8.68 -2.13
N SER A 135 20.90 -9.64 -2.72
CA SER A 135 21.11 -11.04 -2.40
C SER A 135 20.77 -11.97 -3.55
N SER A 136 21.09 -13.24 -3.39
CA SER A 136 20.86 -14.33 -4.33
C SER A 136 19.83 -15.31 -3.79
N HIS A 137 19.07 -15.96 -4.65
CA HIS A 137 18.29 -17.15 -4.26
C HIS A 137 18.62 -18.27 -5.27
N GLU A 138 18.88 -19.48 -4.78
CA GLU A 138 19.26 -20.59 -5.72
C GLU A 138 18.00 -21.33 -6.15
N THR A 139 17.76 -21.37 -7.46
CA THR A 139 16.65 -22.12 -8.03
C THR A 139 17.21 -23.37 -8.70
N ARG A 140 16.28 -24.26 -9.05
CA ARG A 140 16.63 -25.47 -9.76
C ARG A 140 17.26 -25.14 -11.15
N ASN A 141 17.02 -23.93 -11.69
CA ASN A 141 17.58 -23.50 -12.99
C ASN A 141 18.66 -22.43 -12.89
N GLY A 142 19.22 -22.16 -11.70
CA GLY A 142 20.30 -21.14 -11.57
C GLY A 142 20.04 -20.03 -10.56
N THR A 143 21.07 -19.21 -10.38
CA THR A 143 20.96 -18.06 -9.50
C THR A 143 19.95 -17.00 -9.98
N MET A 144 19.17 -16.52 -9.03
CA MET A 144 18.23 -15.40 -9.16
C MET A 144 18.72 -14.33 -8.22
N SER A 145 19.12 -13.22 -8.79
CA SER A 145 19.58 -12.04 -8.05
C SER A 145 18.38 -11.25 -7.61
N LEU A 146 18.44 -10.77 -6.38
CA LEU A 146 17.35 -10.03 -5.75
C LEU A 146 17.86 -8.73 -5.15
N LEU A 147 16.94 -7.79 -4.94
CA LEU A 147 17.25 -6.54 -4.27
C LEU A 147 16.13 -5.97 -3.40
N LYS A 148 16.56 -5.29 -2.34
CA LYS A 148 15.64 -4.57 -1.51
C LYS A 148 16.18 -3.19 -1.22
N MET A 149 15.40 -2.19 -1.59
CA MET A 149 15.87 -0.82 -1.50
C MET A 149 16.03 -0.46 -0.06
N GLY A 150 16.98 0.41 0.18
CA GLY A 150 17.13 1.02 1.43
C GLY A 150 16.47 2.39 1.44
N PRO A 151 16.08 2.84 2.63
CA PRO A 151 15.28 4.10 2.73
C PRO A 151 16.05 5.36 2.31
N LYS A 152 17.35 5.40 2.57
CA LYS A 152 18.20 6.54 2.15
C LYS A 152 18.37 6.60 0.67
N PHE A 153 18.56 5.47 0.05
CA PHE A 153 18.61 5.41 -1.39
C PHE A 153 17.23 5.81 -1.95
N MET A 154 16.11 5.44 -1.31
CA MET A 154 14.79 5.86 -1.83
C MET A 154 14.64 7.37 -1.88
N LYS A 155 14.97 7.99 -0.78
CA LYS A 155 14.83 9.44 -0.60
C LYS A 155 15.78 10.22 -1.56
N ALA A 156 16.99 9.73 -1.80
CA ALA A 156 18.03 10.48 -2.59
C ALA A 156 17.84 10.35 -4.08
N ARG A 157 17.45 9.15 -4.51
CA ARG A 157 17.48 8.75 -5.90
C ARG A 157 16.17 8.50 -6.62
N LEU A 158 15.12 8.18 -5.85
CA LEU A 158 13.80 8.02 -6.44
C LEU A 158 12.73 9.04 -6.06
N TYR A 159 12.65 9.38 -4.79
CA TYR A 159 11.59 10.23 -4.24
C TYR A 159 11.95 11.71 -3.94
N GLN A 160 13.05 12.27 -4.47
CA GLN A 160 13.59 13.49 -3.89
C GLN A 160 12.74 14.76 -4.16
N ASN A 161 11.81 14.68 -5.09
CA ASN A 161 10.87 15.75 -5.33
C ASN A 161 9.44 15.38 -4.90
N CYS A 162 9.24 14.26 -4.21
CA CYS A 162 7.90 13.90 -3.79
C CYS A 162 7.51 14.51 -2.44
N PRO A 163 6.20 14.81 -2.21
CA PRO A 163 5.74 15.16 -0.85
C PRO A 163 6.16 14.06 0.19
N ILE A 164 6.47 14.50 1.39
CA ILE A 164 7.00 13.65 2.43
C ILE A 164 6.03 12.51 2.77
N GLU A 165 4.74 12.73 2.64
CA GLU A 165 3.74 11.68 2.75
C GLU A 165 3.93 10.51 1.83
N ASP A 166 4.20 10.82 0.56
CA ASP A 166 4.40 9.76 -0.46
C ASP A 166 5.69 8.95 -0.17
N TYR A 167 6.74 9.59 0.30
CA TYR A 167 7.93 8.86 0.73
C TYR A 167 7.62 7.96 1.99
N GLU A 168 6.85 8.47 2.95
CA GLU A 168 6.37 7.65 4.06
C GLU A 168 5.51 6.45 3.58
N LEU A 169 4.59 6.72 2.67
CA LEU A 169 3.78 5.65 2.09
C LEU A 169 4.69 4.55 1.41
N ALA A 170 5.74 4.96 0.70
CA ALA A 170 6.58 4.00 0.02
C ALA A 170 7.30 3.24 1.00
N LYS A 171 7.85 3.90 2.05
CA LYS A 171 8.55 3.14 3.08
C LYS A 171 7.65 2.07 3.76
N MET A 172 6.33 2.29 3.88
CA MET A 172 5.44 1.28 4.42
C MET A 172 5.06 0.14 3.45
N LEU A 173 5.36 0.28 2.16
CA LEU A 173 4.80 -0.67 1.13
C LEU A 173 5.80 -1.40 0.22
N HIS A 174 7.00 -0.87 0.06
CA HIS A 174 7.98 -1.38 -0.88
C HIS A 174 8.47 -2.70 -0.34
N ARG A 175 8.84 -3.57 -1.26
CA ARG A 175 9.24 -4.94 -0.99
C ARG A 175 10.45 -5.40 -1.78
N GLN A 176 11.02 -6.49 -1.34
CA GLN A 176 12.12 -7.14 -2.03
C GLN A 176 11.58 -7.55 -3.39
N GLY A 177 12.45 -7.33 -4.37
CA GLY A 177 12.15 -7.46 -5.78
C GLY A 177 13.30 -8.14 -6.54
N SER A 178 13.25 -8.01 -7.87
CA SER A 178 14.21 -8.59 -8.79
C SER A 178 14.08 -7.97 -10.16
N PHE A 179 15.21 -7.79 -10.82
CA PHE A 179 15.27 -7.43 -12.26
C PHE A 179 15.40 -8.63 -13.20
N PHE A 180 15.34 -9.86 -12.67
CA PHE A 180 15.42 -11.06 -13.51
C PHE A 180 16.54 -11.10 -14.57
N THR A 181 17.70 -10.53 -14.26
CA THR A 181 18.76 -10.37 -15.27
C THR A 181 19.26 -11.70 -15.83
N GLU A 182 19.48 -12.67 -14.97
CA GLU A 182 19.94 -14.01 -15.45
C GLU A 182 18.86 -14.65 -16.36
N ASP A 183 17.56 -14.49 -16.05
CA ASP A 183 16.51 -15.12 -16.82
C ASP A 183 16.40 -14.44 -18.13
N LEU A 184 16.53 -13.13 -18.14
CA LEU A 184 16.47 -12.39 -19.40
C LEU A 184 17.70 -12.59 -20.30
N SER A 185 18.88 -12.84 -19.74
CA SER A 185 20.04 -13.23 -20.60
C SER A 185 19.85 -14.53 -21.36
N LYS A 186 19.13 -15.49 -20.78
CA LYS A 186 18.82 -16.81 -21.36
C LYS A 186 17.60 -16.82 -22.33
N LYS A 187 16.90 -15.71 -22.43
CA LYS A 187 15.66 -15.62 -23.18
C LYS A 187 15.95 -15.23 -24.64
N GLU A 188 15.05 -15.64 -25.53
CA GLU A 188 15.19 -15.27 -26.93
CA GLU A 188 15.08 -15.24 -26.96
C GLU A 188 14.97 -13.73 -27.13
N LYS A 189 15.73 -13.14 -28.08
CA LYS A 189 15.58 -11.72 -28.46
C LYS A 189 14.12 -11.36 -28.69
N PHE A 190 13.71 -10.14 -28.38
CA PHE A 190 12.34 -9.69 -28.64
C PHE A 190 12.26 -9.63 -30.16
N SER A 191 11.09 -9.91 -30.75
CA SER A 191 10.97 -9.95 -32.22
C SER A 191 10.57 -8.64 -32.92
N GLU A 192 10.99 -8.55 -34.17
CA GLU A 192 10.58 -7.47 -35.08
C GLU A 192 9.05 -7.56 -35.43
N GLU A 193 8.57 -8.76 -35.76
CA GLU A 193 7.18 -8.97 -36.20
C GLU A 193 6.23 -8.62 -35.07
N GLY A 194 6.61 -8.85 -33.79
CA GLY A 194 5.75 -8.57 -32.62
C GLY A 194 5.98 -7.19 -31.98
N TYR A 195 6.85 -7.16 -30.97
CA TYR A 195 7.19 -5.90 -30.28
C TYR A 195 7.64 -4.77 -31.27
N GLY A 196 8.49 -5.10 -32.21
CA GLY A 196 8.96 -4.12 -33.24
C GLY A 196 7.90 -3.42 -34.08
N SER A 197 6.74 -4.06 -34.22
CA SER A 197 5.71 -3.57 -35.14
C SER A 197 4.87 -2.50 -34.47
N VAL A 198 4.90 -2.39 -33.13
CA VAL A 198 3.96 -1.56 -32.32
C VAL A 198 4.42 -0.12 -32.20
N GLN A 199 3.53 0.86 -32.34
CA GLN A 199 3.91 2.25 -32.11
C GLN A 199 4.45 2.46 -30.65
N ARG A 200 5.48 3.30 -30.50
CA ARG A 200 6.05 3.67 -29.17
C ARG A 200 6.59 5.13 -29.09
N VAL A 201 6.45 5.67 -27.89
CA VAL A 201 6.89 6.98 -27.54
C VAL A 201 7.61 6.81 -26.20
N TYR A 202 8.39 7.82 -25.78
CA TYR A 202 9.15 7.80 -24.53
C TYR A 202 8.74 9.02 -23.75
N VAL A 203 8.40 8.89 -22.46
CA VAL A 203 8.10 10.06 -21.59
C VAL A 203 9.18 10.11 -20.48
N MET A 204 9.93 11.22 -20.36
CA MET A 204 11.08 11.34 -19.44
C MET A 204 11.01 12.52 -18.45
N SER A 205 11.52 12.26 -17.24
CA SER A 205 11.55 13.20 -16.19
C SER A 205 12.78 13.99 -16.30
N SER A 206 12.67 15.29 -16.15
CA SER A 206 13.88 16.13 -16.29
C SER A 206 14.82 16.00 -15.09
N GLU A 207 14.43 15.46 -13.94
CA GLU A 207 15.39 15.32 -12.79
C GLU A 207 15.46 13.88 -12.25
N ASP A 208 15.50 12.92 -13.15
CA ASP A 208 15.52 11.52 -12.79
C ASP A 208 16.93 11.15 -12.34
N LYS A 209 17.11 10.85 -11.05
CA LYS A 209 18.45 10.54 -10.48
C LYS A 209 18.80 9.05 -10.45
N ILE A 210 18.01 8.25 -11.16
CA ILE A 210 18.20 6.78 -11.27
C ILE A 210 18.41 6.38 -12.77
N ILE A 211 17.49 6.78 -13.66
CA ILE A 211 17.62 6.68 -15.13
C ILE A 211 18.08 8.04 -15.70
N PRO A 212 19.42 8.30 -15.74
CA PRO A 212 19.84 9.66 -16.12
C PRO A 212 19.54 10.01 -17.60
N CYS A 213 19.38 11.31 -17.87
CA CYS A 213 19.29 11.84 -19.25
C CYS A 213 20.16 11.10 -20.30
N ASP A 214 21.46 10.90 -20.07
CA ASP A 214 22.36 10.34 -21.12
C ASP A 214 22.03 8.92 -21.51
N PHE A 215 21.60 8.13 -20.53
CA PHE A 215 21.36 6.69 -20.69
C PHE A 215 20.16 6.47 -21.62
N ILE A 216 19.13 7.29 -21.37
CA ILE A 216 17.95 7.45 -22.23
C ILE A 216 18.32 7.69 -23.70
N ARG A 217 19.15 8.72 -23.96
CA ARG A 217 19.64 9.06 -25.34
C ARG A 217 20.33 7.86 -25.98
N TRP A 218 21.13 7.17 -25.17
CA TRP A 218 21.78 5.95 -25.61
C TRP A 218 20.74 4.88 -26.01
N MET A 219 19.76 4.66 -25.12
CA MET A 219 18.72 3.58 -25.32
C MET A 219 17.87 3.89 -26.59
N ILE A 220 17.46 5.15 -26.69
CA ILE A 220 16.73 5.61 -27.88
C ILE A 220 17.57 5.54 -29.16
N ASP A 221 18.90 5.65 -29.07
CA ASP A 221 19.76 5.40 -30.23
C ASP A 221 19.92 3.98 -30.65
N ASN A 222 19.94 3.04 -29.71
CA ASN A 222 19.84 1.62 -30.11
C ASN A 222 18.50 1.35 -30.78
N PHE A 223 17.44 2.10 -30.40
CA PHE A 223 16.05 1.71 -30.71
C PHE A 223 15.06 2.89 -30.73
N ASN A 224 14.75 3.39 -31.92
CA ASN A 224 14.08 4.71 -32.08
C ASN A 224 12.62 4.69 -31.62
N VAL A 225 12.14 5.85 -31.18
CA VAL A 225 10.74 6.03 -30.83
C VAL A 225 10.09 7.00 -31.83
N SER A 226 8.77 7.10 -31.85
CA SER A 226 8.12 8.09 -32.70
C SER A 226 8.27 9.50 -32.15
N LYS A 227 8.48 9.65 -30.84
CA LYS A 227 8.31 10.94 -30.14
C LYS A 227 8.70 10.88 -28.66
N VAL A 228 9.44 11.89 -28.21
CA VAL A 228 9.89 12.01 -26.85
C VAL A 228 9.18 13.16 -26.11
N TYR A 229 8.64 12.92 -24.92
CA TYR A 229 7.98 13.97 -24.13
C TYR A 229 8.79 14.19 -22.87
N GLU A 230 8.86 15.42 -22.37
CA GLU A 230 9.60 15.77 -21.18
C GLU A 230 8.67 16.33 -20.09
N ILE A 231 8.91 15.95 -18.85
CA ILE A 231 8.19 16.53 -17.74
C ILE A 231 9.21 17.24 -16.87
N ASP A 232 9.05 18.54 -16.87
CA ASP A 232 10.01 19.43 -16.20
C ASP A 232 9.83 19.35 -14.67
N GLY A 233 10.89 19.07 -13.92
CA GLY A 233 10.80 19.01 -12.45
C GLY A 233 10.45 17.61 -11.87
N GLY A 234 10.14 16.63 -12.73
CA GLY A 234 9.80 15.28 -12.29
C GLY A 234 11.00 14.54 -11.73
N ASP A 235 10.80 13.81 -10.63
CA ASP A 235 11.75 12.82 -10.18
C ASP A 235 11.44 11.53 -10.88
N HIS A 236 12.12 10.46 -10.52
CA HIS A 236 11.79 9.18 -11.11
C HIS A 236 10.36 8.79 -10.81
N MET A 237 9.85 8.99 -9.59
CA MET A 237 8.46 8.59 -9.25
C MET A 237 7.55 9.77 -9.62
N VAL A 238 7.50 10.03 -10.93
CA VAL A 238 6.83 11.20 -11.50
C VAL A 238 5.31 11.14 -11.37
N MET A 239 4.71 9.94 -11.24
CA MET A 239 3.25 9.85 -10.94
C MET A 239 2.90 10.24 -9.53
N LEU A 240 3.92 10.32 -8.68
CA LEU A 240 3.83 10.84 -7.35
C LEU A 240 4.35 12.29 -7.26
N SER A 241 5.42 12.68 -7.98
CA SER A 241 5.90 14.10 -7.84
C SER A 241 5.16 15.10 -8.69
N LYS A 242 4.80 14.73 -9.90
CA LYS A 242 4.13 15.60 -10.88
C LYS A 242 2.97 14.91 -11.60
N PRO A 243 2.01 14.42 -10.84
CA PRO A 243 0.93 13.71 -11.44
C PRO A 243 0.13 14.51 -12.51
N GLN A 244 -0.08 15.78 -12.30
CA GLN A 244 -0.84 16.57 -13.24
C GLN A 244 -0.08 16.76 -14.53
N LYS A 245 1.24 16.92 -14.47
CA LYS A 245 2.01 16.97 -15.74
C LYS A 245 2.15 15.62 -16.41
N LEU A 246 2.18 14.54 -15.66
CA LEU A 246 2.08 13.24 -16.29
C LEU A 246 0.68 13.05 -16.95
N PHE A 247 -0.36 13.47 -16.27
CA PHE A 247 -1.66 13.53 -16.93
C PHE A 247 -1.61 14.29 -18.26
N ASP A 248 -0.97 15.48 -18.28
CA ASP A 248 -0.94 16.31 -19.52
C ASP A 248 -0.25 15.58 -20.70
N SER A 249 0.86 14.88 -20.42
CA SER A 249 1.58 14.08 -21.38
C SER A 249 0.75 12.97 -21.92
N LEU A 250 0.10 12.22 -21.07
CA LEU A 250 -0.71 11.12 -21.55
C LEU A 250 -1.98 11.53 -22.33
N SER A 251 -2.65 12.64 -21.97
CA SER A 251 -3.65 13.24 -22.87
C SER A 251 -3.11 13.71 -24.24
N ALA A 252 -1.88 14.23 -24.28
CA ALA A 252 -1.32 14.62 -25.57
C ALA A 252 -1.09 13.33 -26.43
N ILE A 253 -0.55 12.27 -25.81
CA ILE A 253 -0.37 11.03 -26.53
C ILE A 253 -1.72 10.42 -26.99
N ALA A 254 -2.75 10.50 -26.16
CA ALA A 254 -4.07 10.03 -26.56
C ALA A 254 -4.63 10.83 -27.74
N THR A 255 -4.35 12.15 -27.78
CA THR A 255 -4.75 12.99 -28.91
C THR A 255 -4.07 12.57 -30.23
N ASP A 256 -2.79 12.18 -30.22
CA ASP A 256 -2.14 11.69 -31.46
C ASP A 256 -2.63 10.32 -31.98
N TYR A 257 -3.06 9.41 -31.09
CA TYR A 257 -3.59 8.08 -31.50
C TYR A 257 -5.11 8.00 -31.42
N MET A 258 -5.78 9.17 -31.51
CA MET A 258 -7.26 9.28 -31.43
C MET A 258 -7.90 8.24 -32.36
N GLY A 259 -7.47 8.30 -33.63
CA GLY A 259 -8.02 7.49 -34.70
C GLY A 259 -8.70 8.42 -35.68
N MET B 1 12.76 22.72 25.73
CA MET B 1 11.34 22.69 25.18
C MET B 1 10.51 21.58 25.89
N GLU B 2 9.22 21.49 25.53
CA GLU B 2 8.41 20.37 26.02
C GLU B 2 8.89 19.02 25.42
N ARG B 3 8.83 17.98 26.23
CA ARG B 3 9.32 16.69 25.82
C ARG B 3 8.28 15.93 24.98
N LYS B 4 8.79 15.11 24.10
CA LYS B 4 8.03 14.45 23.06
C LYS B 4 7.71 13.06 23.48
N HIS B 5 7.02 12.31 22.66
CA HIS B 5 6.60 10.99 22.95
C HIS B 5 6.87 10.08 21.80
N HIS B 6 6.67 8.81 22.09
CA HIS B 6 6.75 7.78 21.10
C HIS B 6 5.33 7.29 20.98
N PHE B 7 4.75 7.51 19.82
CA PHE B 7 3.41 6.99 19.49
C PHE B 7 3.57 5.67 18.74
N VAL B 8 2.81 4.67 19.16
CA VAL B 8 2.71 3.44 18.45
C VAL B 8 1.26 3.40 17.90
N LEU B 9 1.12 3.31 16.56
CA LEU B 9 -0.13 3.35 15.82
C LEU B 9 -0.57 1.95 15.35
N VAL B 10 -1.83 1.59 15.63
CA VAL B 10 -2.37 0.30 15.31
C VAL B 10 -3.57 0.42 14.46
N HIS B 11 -3.44 -0.16 13.27
CA HIS B 11 -4.46 -0.14 12.21
C HIS B 11 -5.64 -1.11 12.50
N ASN B 12 -6.62 -0.99 11.63
CA ASN B 12 -7.86 -1.67 11.71
C ASN B 12 -7.85 -2.96 10.84
N ALA B 13 -8.86 -3.81 11.01
CA ALA B 13 -9.04 -5.01 10.24
C ALA B 13 -9.17 -4.72 8.72
N CYS B 14 -8.58 -5.60 7.91
CA CYS B 14 -8.59 -5.46 6.42
C CYS B 14 -7.69 -4.35 5.82
N HIS B 15 -6.98 -3.65 6.69
CA HIS B 15 -6.09 -2.58 6.29
C HIS B 15 -4.67 -2.94 6.77
N GLY B 16 -3.76 -1.98 6.80
CA GLY B 16 -2.41 -2.19 7.30
C GLY B 16 -1.77 -0.86 7.69
N ALA B 17 -0.46 -0.87 7.90
CA ALA B 17 0.27 0.29 8.38
C ALA B 17 0.20 1.53 7.47
N TRP B 18 -0.07 1.29 6.21
CA TRP B 18 -0.17 2.35 5.21
C TRP B 18 -1.21 3.43 5.49
N ILE B 19 -2.25 3.10 6.25
CA ILE B 19 -3.28 4.11 6.53
C ILE B 19 -2.74 5.32 7.29
N TRP B 20 -1.61 5.16 7.98
CA TRP B 20 -1.01 6.24 8.77
C TRP B 20 -0.11 7.15 7.98
N TYR B 21 -0.08 7.03 6.67
CA TYR B 21 0.95 7.77 5.91
C TYR B 21 0.90 9.27 5.98
N LYS B 22 -0.27 9.80 6.24
CA LYS B 22 -0.42 11.25 6.42
C LYS B 22 -0.08 11.71 7.86
N LEU B 23 -0.42 10.88 8.82
CA LEU B 23 -0.34 11.24 10.20
C LEU B 23 1.08 11.14 10.70
N LYS B 24 1.79 10.09 10.33
CA LYS B 24 3.19 9.91 10.71
C LYS B 24 4.08 11.13 10.47
N PRO B 25 4.13 11.70 9.27
CA PRO B 25 5.00 12.89 9.14
C PRO B 25 4.60 14.11 9.93
N LEU B 26 3.30 14.34 10.17
CA LEU B 26 2.93 15.45 11.03
C LEU B 26 3.44 15.30 12.47
N LEU B 27 3.31 14.10 13.02
CA LEU B 27 3.88 13.76 14.29
C LEU B 27 5.39 13.84 14.38
N GLU B 28 6.11 13.42 13.36
CA GLU B 28 7.58 13.57 13.36
C GLU B 28 8.05 14.99 13.22
N SER B 29 7.41 15.81 12.37
CA SER B 29 7.74 17.23 12.27
C SER B 29 7.56 17.99 13.56
N ALA B 30 6.62 17.58 14.38
CA ALA B 30 6.45 18.16 15.69
C ALA B 30 7.43 17.62 16.65
N GLY B 31 8.30 16.66 16.28
CA GLY B 31 9.37 16.18 17.16
C GLY B 31 9.14 14.84 17.87
N HIS B 32 8.01 14.18 17.59
CA HIS B 32 7.70 12.86 18.19
C HIS B 32 8.32 11.73 17.36
N ARG B 33 8.52 10.57 17.95
CA ARG B 33 8.78 9.32 17.22
C ARG B 33 7.47 8.49 17.06
N VAL B 34 7.43 7.77 15.95
CA VAL B 34 6.25 7.11 15.48
C VAL B 34 6.62 5.73 14.98
N THR B 35 5.93 4.70 15.49
CA THR B 35 6.06 3.31 14.99
C THR B 35 4.67 2.86 14.51
N ALA B 36 4.54 2.66 13.18
CA ALA B 36 3.32 2.20 12.54
C ALA B 36 3.40 0.65 12.42
N VAL B 37 2.74 -0.05 13.30
CA VAL B 37 2.84 -1.53 13.37
C VAL B 37 2.09 -2.18 12.20
N GLU B 38 2.64 -3.25 11.65
CA GLU B 38 1.95 -4.05 10.64
C GLU B 38 1.51 -5.39 11.22
N LEU B 39 0.21 -5.60 11.37
CA LEU B 39 -0.33 -6.79 12.03
C LEU B 39 -0.24 -8.01 11.06
N ALA B 40 -0.49 -9.20 11.62
CA ALA B 40 -0.37 -10.39 10.81
C ALA B 40 -1.43 -10.36 9.72
N ALA B 41 -1.00 -10.78 8.53
CA ALA B 41 -1.85 -10.93 7.36
C ALA B 41 -2.46 -9.63 6.79
N SER B 42 -1.83 -8.52 7.14
CA SER B 42 -2.28 -7.16 6.89
C SER B 42 -1.22 -6.47 6.06
N GLY B 43 -1.63 -5.60 5.17
CA GLY B 43 -0.73 -4.83 4.36
C GLY B 43 0.13 -5.69 3.45
N ILE B 44 1.42 -5.49 3.50
CA ILE B 44 2.36 -6.32 2.79
C ILE B 44 2.87 -7.49 3.64
N ASP B 45 2.25 -7.80 4.77
CA ASP B 45 2.64 -8.98 5.57
C ASP B 45 2.49 -10.21 4.64
N PRO B 46 3.52 -11.10 4.64
CA PRO B 46 3.56 -12.26 3.65
C PRO B 46 2.52 -13.38 3.91
N ARG B 47 1.83 -13.38 5.06
CA ARG B 47 0.82 -14.39 5.38
CA ARG B 47 0.84 -14.41 5.36
C ARG B 47 -0.59 -14.04 4.84
N PRO B 48 -1.29 -15.03 4.27
CA PRO B 48 -2.67 -14.84 4.05
C PRO B 48 -3.45 -14.98 5.40
N ILE B 49 -4.62 -14.36 5.52
CA ILE B 49 -5.40 -14.40 6.78
C ILE B 49 -5.78 -15.85 7.23
N GLN B 50 -5.96 -16.76 6.27
CA GLN B 50 -6.23 -18.18 6.52
C GLN B 50 -5.14 -18.85 7.33
N ALA B 51 -3.90 -18.33 7.29
CA ALA B 51 -2.77 -18.86 8.14
C ALA B 51 -2.62 -18.25 9.57
N VAL B 52 -3.45 -17.25 9.88
CA VAL B 52 -3.51 -16.62 11.18
C VAL B 52 -4.80 -17.01 11.94
N GLU B 53 -4.76 -18.02 12.78
CA GLU B 53 -6.03 -18.65 13.21
C GLU B 53 -6.65 -18.04 14.47
N THR B 54 -5.85 -17.26 15.23
CA THR B 54 -6.27 -16.64 16.49
C THR B 54 -5.93 -15.17 16.53
N VAL B 55 -6.60 -14.47 17.42
CA VAL B 55 -6.38 -13.09 17.64
C VAL B 55 -5.00 -12.82 18.33
N ASP B 56 -4.53 -13.75 19.16
CA ASP B 56 -3.10 -13.74 19.60
C ASP B 56 -2.07 -13.79 18.44
N GLU B 57 -2.33 -14.60 17.41
CA GLU B 57 -1.42 -14.63 16.26
C GLU B 57 -1.46 -13.29 15.48
N TYR B 58 -2.68 -12.79 15.23
CA TYR B 58 -2.95 -11.51 14.61
C TYR B 58 -2.20 -10.30 15.30
N SER B 59 -2.18 -10.30 16.63
CA SER B 59 -1.66 -9.21 17.45
C SER B 59 -0.14 -9.29 17.71
N LYS B 60 0.46 -10.41 17.36
CA LYS B 60 1.85 -10.67 17.74
C LYS B 60 2.85 -9.57 17.28
N PRO B 61 2.71 -9.02 16.06
CA PRO B 61 3.68 -7.92 15.79
C PRO B 61 3.57 -6.71 16.72
N LEU B 62 2.43 -6.52 17.40
CA LEU B 62 2.25 -5.49 18.45
C LEU B 62 2.90 -5.88 19.75
N ILE B 63 2.69 -7.10 20.18
CA ILE B 63 3.41 -7.60 21.37
C ILE B 63 4.93 -7.49 21.23
N GLU B 64 5.44 -7.81 20.04
CA GLU B 64 6.89 -7.80 19.81
C GLU B 64 7.52 -6.40 19.86
N THR B 65 6.80 -5.44 19.31
CA THR B 65 7.22 -4.07 19.32
C THR B 65 7.34 -3.55 20.74
N LEU B 66 6.37 -3.86 21.57
CA LEU B 66 6.41 -3.49 22.98
C LEU B 66 7.46 -4.28 23.72
N LYS B 67 7.58 -5.57 23.43
CA LYS B 67 8.63 -6.33 24.07
C LYS B 67 10.01 -5.74 23.90
N SER B 68 10.31 -5.27 22.71
CA SER B 68 11.68 -4.78 22.36
C SER B 68 11.99 -3.31 22.75
N LEU B 69 11.03 -2.58 23.34
CA LEU B 69 11.31 -1.24 23.86
C LEU B 69 12.27 -1.29 25.03
N PRO B 70 13.18 -0.32 25.09
CA PRO B 70 14.15 -0.34 26.21
C PRO B 70 13.46 -0.04 27.52
N GLU B 71 14.13 -0.43 28.59
CA GLU B 71 13.49 -0.48 29.88
C GLU B 71 13.11 0.87 30.33
N ASN B 72 11.93 0.93 30.96
CA ASN B 72 11.30 2.17 31.44
C ASN B 72 10.74 3.16 30.36
N GLU B 73 10.83 2.78 29.09
CA GLU B 73 10.25 3.57 28.08
C GLU B 73 8.77 3.27 28.07
N GLU B 74 7.96 4.29 27.91
CA GLU B 74 6.50 4.21 27.88
C GLU B 74 5.99 4.88 26.57
N VAL B 75 4.94 4.31 25.98
CA VAL B 75 4.39 4.86 24.73
C VAL B 75 2.96 5.41 24.84
N ILE B 76 2.61 6.26 23.87
CA ILE B 76 1.24 6.52 23.62
C ILE B 76 0.73 5.55 22.55
N LEU B 77 -0.24 4.69 22.94
CA LEU B 77 -0.69 3.53 22.13
C LEU B 77 -2.08 3.77 21.56
N VAL B 78 -2.15 3.95 20.24
CA VAL B 78 -3.34 4.32 19.50
C VAL B 78 -3.83 3.11 18.71
N GLY B 79 -5.09 2.72 18.95
CA GLY B 79 -5.76 1.68 18.24
C GLY B 79 -7.00 2.19 17.52
N PHE B 80 -7.13 1.78 16.25
CA PHE B 80 -8.19 2.30 15.37
C PHE B 80 -9.13 1.15 15.11
N SER B 81 -10.42 1.37 15.43
CA SER B 81 -11.48 0.37 15.12
C SER B 81 -11.25 -0.98 15.83
N PHE B 82 -11.12 -2.07 15.08
CA PHE B 82 -10.70 -3.34 15.63
C PHE B 82 -9.38 -3.23 16.40
N GLY B 83 -8.55 -2.24 16.09
CA GLY B 83 -7.31 -1.94 16.85
C GLY B 83 -7.52 -1.64 18.34
N GLY B 84 -8.73 -1.23 18.69
CA GLY B 84 -9.10 -1.13 20.07
C GLY B 84 -8.95 -2.45 20.77
N ILE B 85 -9.31 -3.56 20.12
CA ILE B 85 -9.22 -4.89 20.80
C ILE B 85 -7.75 -5.31 20.95
N ASN B 86 -6.99 -5.05 19.90
CA ASN B 86 -5.52 -5.27 19.91
C ASN B 86 -4.83 -4.52 21.02
N ILE B 87 -5.21 -3.25 21.22
CA ILE B 87 -4.47 -2.47 22.20
C ILE B 87 -4.79 -2.90 23.64
N ALA B 88 -6.03 -3.42 23.82
CA ALA B 88 -6.43 -3.95 25.09
C ALA B 88 -5.70 -5.27 25.40
N LEU B 89 -5.42 -6.10 24.37
CA LEU B 89 -4.68 -7.36 24.62
C LEU B 89 -3.29 -7.00 25.00
N ALA B 90 -2.74 -6.01 24.29
CA ALA B 90 -1.39 -5.59 24.61
C ALA B 90 -1.24 -5.05 26.05
N ALA B 91 -2.25 -4.27 26.48
CA ALA B 91 -2.27 -3.64 27.78
C ALA B 91 -2.33 -4.65 28.91
N ASP B 92 -2.99 -5.79 28.68
CA ASP B 92 -3.07 -6.87 29.67
C ASP B 92 -1.73 -7.65 29.79
N ILE B 93 -0.77 -7.44 28.89
CA ILE B 93 0.57 -8.06 28.93
C ILE B 93 1.71 -7.11 29.40
N PHE B 94 1.73 -5.89 28.85
CA PHE B 94 2.75 -4.92 29.17
C PHE B 94 2.13 -3.60 29.67
N PRO B 95 1.30 -3.65 30.75
CA PRO B 95 0.64 -2.40 31.22
C PRO B 95 1.60 -1.24 31.50
N ALA B 96 2.77 -1.53 32.09
CA ALA B 96 3.78 -0.50 32.50
C ALA B 96 4.56 0.17 31.37
N LYS B 97 4.44 -0.36 30.15
CA LYS B 97 4.99 0.27 28.92
C LYS B 97 4.01 1.18 28.23
N ILE B 98 2.82 1.32 28.78
CA ILE B 98 1.85 2.20 28.17
C ILE B 98 1.46 3.38 29.07
N LYS B 99 1.82 4.56 28.59
CA LYS B 99 1.42 5.78 29.25
C LYS B 99 -0.08 6.03 29.20
N VAL B 100 -0.67 6.00 27.98
CA VAL B 100 -2.15 6.05 27.80
C VAL B 100 -2.57 5.26 26.55
N LEU B 101 -3.72 4.61 26.62
CA LEU B 101 -4.38 4.01 25.51
C LEU B 101 -5.33 5.05 24.86
N VAL B 102 -5.26 5.13 23.52
CA VAL B 102 -6.03 6.02 22.71
C VAL B 102 -6.93 5.18 21.85
N PHE B 103 -8.20 5.18 22.20
CA PHE B 103 -9.22 4.50 21.45
C PHE B 103 -9.74 5.45 20.41
N LEU B 104 -9.38 5.26 19.14
CA LEU B 104 -9.79 6.12 18.04
C LEU B 104 -10.82 5.47 17.14
N ASN B 105 -12.04 6.04 17.12
CA ASN B 105 -13.21 5.39 16.46
C ASN B 105 -13.09 3.88 16.63
N ALA B 106 -12.85 3.44 17.86
CA ALA B 106 -12.43 2.10 18.19
C ALA B 106 -13.39 1.30 19.07
N PHE B 107 -13.24 -0.03 19.06
CA PHE B 107 -13.95 -0.86 20.06
C PHE B 107 -13.25 -0.81 21.41
N LEU B 108 -14.06 -0.70 22.47
CA LEU B 108 -13.64 -0.41 23.80
C LEU B 108 -14.21 -1.52 24.65
N PRO B 109 -13.42 -2.56 24.88
CA PRO B 109 -13.88 -3.68 25.69
C PRO B 109 -13.73 -3.39 27.19
N ASP B 110 -14.40 -4.22 27.99
CA ASP B 110 -14.49 -4.03 29.43
C ASP B 110 -13.89 -5.24 30.12
N THR B 111 -13.84 -5.21 31.45
CA THR B 111 -13.23 -6.27 32.22
C THR B 111 -14.22 -7.17 32.92
N THR B 112 -15.45 -7.26 32.42
CA THR B 112 -16.60 -7.96 33.03
C THR B 112 -17.22 -9.00 32.10
N HIS B 113 -17.44 -8.67 30.83
CA HIS B 113 -17.98 -9.62 29.86
C HIS B 113 -16.89 -10.26 29.04
N VAL B 114 -17.25 -11.27 28.25
CA VAL B 114 -16.25 -11.87 27.33
C VAL B 114 -15.67 -10.77 26.44
N PRO B 115 -14.38 -10.89 26.02
CA PRO B 115 -13.78 -9.83 25.16
C PRO B 115 -14.53 -9.51 23.85
N SER B 116 -15.37 -10.41 23.34
CA SER B 116 -16.22 -10.20 22.13
C SER B 116 -17.47 -9.33 22.36
N HIS B 117 -17.76 -8.94 23.61
CA HIS B 117 -19.03 -8.36 24.00
C HIS B 117 -19.36 -7.14 23.19
N VAL B 118 -18.43 -6.19 23.03
CA VAL B 118 -18.79 -4.97 22.26
C VAL B 118 -18.89 -5.19 20.75
N LEU B 119 -18.11 -6.13 20.19
CA LEU B 119 -18.30 -6.61 18.82
C LEU B 119 -19.64 -7.27 18.59
N ASP B 120 -20.05 -8.18 19.48
CA ASP B 120 -21.28 -8.90 19.35
C ASP B 120 -22.42 -7.89 19.39
N LYS B 121 -22.31 -6.87 20.25
CA LYS B 121 -23.40 -5.88 20.43
C LYS B 121 -23.61 -5.11 19.14
N LEU B 122 -22.52 -4.64 18.56
CA LEU B 122 -22.60 -3.92 17.31
C LEU B 122 -23.10 -4.80 16.14
N MET B 123 -22.61 -6.04 16.04
CA MET B 123 -22.95 -6.93 14.93
C MET B 123 -24.44 -7.13 14.84
N GLU B 124 -25.10 -7.33 15.99
CA GLU B 124 -26.54 -7.43 16.05
C GLU B 124 -27.26 -6.26 15.41
N MET B 125 -26.80 -5.03 15.62
CA MET B 125 -27.58 -3.83 15.20
C MET B 125 -27.12 -3.18 13.84
N PHE B 126 -26.18 -3.81 13.14
CA PHE B 126 -25.21 -3.12 12.28
C PHE B 126 -25.75 -2.39 11.04
N GLY B 127 -26.65 -3.05 10.36
CA GLY B 127 -27.15 -2.47 9.14
C GLY B 127 -26.43 -3.08 7.97
N GLY B 128 -26.16 -2.26 7.00
CA GLY B 128 -26.03 -2.79 5.65
C GLY B 128 -24.61 -3.04 5.28
N TRP B 129 -24.25 -4.33 5.14
CA TRP B 129 -22.92 -4.69 4.59
C TRP B 129 -22.73 -4.49 3.09
N GLY B 130 -23.80 -4.30 2.32
CA GLY B 130 -23.68 -4.03 0.89
C GLY B 130 -22.99 -5.12 0.09
N ASP B 131 -21.98 -4.74 -0.70
CA ASP B 131 -21.25 -5.71 -1.57
C ASP B 131 -20.05 -6.43 -0.84
N THR B 132 -19.98 -6.32 0.48
CA THR B 132 -18.99 -7.11 1.22
C THR B 132 -19.17 -8.66 1.00
N GLU B 133 -18.07 -9.40 0.93
CA GLU B 133 -18.08 -10.88 0.69
C GLU B 133 -17.68 -11.56 1.97
N PHE B 134 -18.58 -12.39 2.48
CA PHE B 134 -18.32 -13.30 3.61
C PHE B 134 -17.91 -14.69 3.20
N SER B 135 -16.94 -15.24 3.94
CA SER B 135 -16.63 -16.66 3.82
C SER B 135 -16.06 -17.26 5.12
N SER B 136 -15.87 -18.57 5.09
CA SER B 136 -15.44 -19.40 6.21
C SER B 136 -14.17 -20.16 5.91
N HIS B 137 -13.39 -20.40 6.95
CA HIS B 137 -12.19 -21.19 6.83
C HIS B 137 -12.18 -22.08 8.11
N GLU B 138 -12.02 -23.38 7.89
CA GLU B 138 -12.11 -24.33 8.96
C GLU B 138 -10.69 -24.63 9.44
N THR B 139 -10.49 -24.51 10.74
CA THR B 139 -9.16 -24.69 11.32
C THR B 139 -9.23 -25.66 12.45
N ARG B 140 -8.06 -25.94 12.99
CA ARG B 140 -7.96 -26.69 14.22
C ARG B 140 -8.41 -25.86 15.44
N ASN B 141 -8.63 -24.55 15.28
CA ASN B 141 -9.21 -23.67 16.31
C ASN B 141 -10.68 -23.39 16.04
N GLY B 142 -11.30 -24.09 15.11
CA GLY B 142 -12.74 -23.96 14.88
C GLY B 142 -12.95 -23.21 13.61
N THR B 143 -14.16 -22.75 13.41
CA THR B 143 -14.49 -22.02 12.19
C THR B 143 -14.20 -20.55 12.31
N MET B 144 -13.40 -20.03 11.38
CA MET B 144 -13.12 -18.56 11.25
C MET B 144 -14.06 -17.88 10.23
N SER B 145 -14.60 -16.71 10.61
CA SER B 145 -15.35 -15.83 9.72
C SER B 145 -14.47 -14.76 9.13
N LEU B 146 -14.41 -14.76 7.80
CA LEU B 146 -13.63 -13.83 7.01
C LEU B 146 -14.53 -12.89 6.25
N LEU B 147 -14.00 -11.71 5.97
CA LEU B 147 -14.72 -10.79 5.14
C LEU B 147 -13.79 -10.06 4.27
N LYS B 148 -14.33 -9.70 3.14
CA LYS B 148 -13.60 -8.81 2.29
C LYS B 148 -14.50 -7.66 1.84
N MET B 149 -14.07 -6.44 2.06
CA MET B 149 -15.00 -5.31 1.83
C MET B 149 -15.28 -5.25 0.37
N GLY B 150 -16.51 -4.89 0.05
CA GLY B 150 -16.83 -4.47 -1.33
C GLY B 150 -16.50 -2.98 -1.47
N PRO B 151 -16.17 -2.53 -2.72
CA PRO B 151 -15.85 -1.11 -3.00
C PRO B 151 -17.00 -0.09 -2.81
N LYS B 152 -18.24 -0.47 -3.10
CA LYS B 152 -19.38 0.40 -2.78
C LYS B 152 -19.59 0.56 -1.28
N PHE B 153 -19.45 -0.51 -0.54
CA PHE B 153 -19.49 -0.41 0.94
C PHE B 153 -18.37 0.50 1.49
N MET B 154 -17.14 0.35 1.02
CA MET B 154 -16.05 1.26 1.39
C MET B 154 -16.41 2.74 1.14
N LYS B 155 -16.92 2.99 -0.05
CA LYS B 155 -17.18 4.36 -0.49
C LYS B 155 -18.25 5.06 0.36
N ALA B 156 -19.26 4.31 0.77
CA ALA B 156 -20.38 4.88 1.48
C ALA B 156 -20.25 4.90 2.99
N ARG B 157 -19.55 3.92 3.58
CA ARG B 157 -19.52 3.76 5.02
C ARG B 157 -18.20 4.01 5.70
N LEU B 158 -17.08 3.96 4.97
CA LEU B 158 -15.77 4.18 5.58
C LEU B 158 -15.02 5.40 5.05
N TYR B 159 -15.14 5.74 3.76
CA TYR B 159 -14.34 6.73 3.05
C TYR B 159 -15.12 7.95 2.54
N GLN B 160 -16.32 8.17 3.08
CA GLN B 160 -17.27 9.07 2.39
C GLN B 160 -16.81 10.54 2.44
N ASN B 161 -15.96 10.90 3.40
CA ASN B 161 -15.34 12.22 3.51
C ASN B 161 -13.86 12.30 3.13
N CYS B 162 -13.37 11.30 2.42
CA CYS B 162 -11.97 11.21 2.05
C CYS B 162 -11.79 11.64 0.59
N PRO B 163 -10.68 12.33 0.31
CA PRO B 163 -10.31 12.58 -1.09
C PRO B 163 -10.40 11.32 -1.89
N ILE B 164 -10.73 11.47 -3.18
CA ILE B 164 -10.82 10.39 -4.14
C ILE B 164 -9.49 9.59 -4.25
N GLU B 165 -8.39 10.26 -4.19
CA GLU B 165 -7.06 9.62 -4.20
C GLU B 165 -6.90 8.58 -3.14
N ASP B 166 -7.39 8.85 -1.93
CA ASP B 166 -7.24 7.92 -0.84
C ASP B 166 -8.18 6.70 -0.98
N TYR B 167 -9.40 6.96 -1.41
CA TYR B 167 -10.31 5.92 -1.83
C TYR B 167 -9.66 5.01 -2.89
N GLU B 168 -9.01 5.56 -3.90
CA GLU B 168 -8.41 4.71 -4.98
C GLU B 168 -7.20 3.86 -4.43
N LEU B 169 -6.39 4.46 -3.59
CA LEU B 169 -5.31 3.81 -2.86
C LEU B 169 -5.83 2.65 -2.00
N ALA B 170 -6.91 2.91 -1.22
CA ALA B 170 -7.50 1.85 -0.40
C ALA B 170 -7.99 0.72 -1.24
N LYS B 171 -8.60 1.01 -2.42
CA LYS B 171 -8.99 -0.10 -3.31
C LYS B 171 -7.83 -1.00 -3.77
N MET B 172 -6.64 -0.48 -3.90
CA MET B 172 -5.49 -1.13 -4.41
C MET B 172 -4.74 -1.88 -3.29
N LEU B 173 -5.06 -1.53 -2.01
CA LEU B 173 -4.34 -2.10 -0.86
C LEU B 173 -5.14 -2.97 0.15
N HIS B 174 -6.46 -2.82 0.22
CA HIS B 174 -7.23 -3.57 1.22
C HIS B 174 -7.27 -5.07 0.98
N ARG B 175 -7.36 -5.84 2.05
CA ARG B 175 -7.31 -7.31 1.95
C ARG B 175 -8.46 -8.04 2.74
N GLN B 176 -8.71 -9.29 2.39
CA GLN B 176 -9.49 -10.15 3.22
C GLN B 176 -8.96 -10.25 4.67
N GLY B 177 -9.89 -10.09 5.61
CA GLY B 177 -9.56 -10.08 7.05
C GLY B 177 -10.56 -10.79 7.96
N SER B 178 -10.45 -10.58 9.28
CA SER B 178 -11.34 -11.20 10.25
C SER B 178 -11.44 -10.37 11.49
N PHE B 179 -12.60 -10.40 12.16
CA PHE B 179 -12.76 -9.84 13.53
C PHE B 179 -12.58 -10.93 14.60
N PHE B 180 -12.33 -12.19 14.25
CA PHE B 180 -11.96 -13.18 15.27
C PHE B 180 -13.01 -13.33 16.44
N THR B 181 -14.28 -13.03 16.14
CA THR B 181 -15.31 -13.01 17.15
C THR B 181 -15.47 -14.38 17.88
N GLU B 182 -15.38 -15.51 17.14
CA GLU B 182 -15.46 -16.84 17.81
CA GLU B 182 -15.47 -16.81 17.76
C GLU B 182 -14.31 -16.99 18.79
N ASP B 183 -13.07 -16.66 18.36
CA ASP B 183 -11.89 -16.80 19.23
C ASP B 183 -11.95 -15.90 20.44
N LEU B 184 -12.50 -14.71 20.25
CA LEU B 184 -12.58 -13.70 21.30
C LEU B 184 -13.61 -14.07 22.36
N SER B 185 -14.73 -14.68 21.92
CA SER B 185 -15.74 -15.11 22.86
C SER B 185 -15.29 -16.27 23.78
N LYS B 186 -14.30 -17.07 23.36
CA LYS B 186 -13.73 -18.15 24.19
C LYS B 186 -12.60 -17.66 25.09
N LYS B 187 -12.12 -16.45 24.90
CA LYS B 187 -10.92 -16.00 25.61
C LYS B 187 -11.26 -15.59 27.05
N GLU B 188 -10.34 -15.88 27.96
CA GLU B 188 -10.28 -15.24 29.29
C GLU B 188 -10.53 -13.71 29.21
N LYS B 189 -11.40 -13.24 30.12
CA LYS B 189 -11.88 -11.86 30.18
C LYS B 189 -10.69 -10.93 30.39
N PHE B 190 -10.77 -9.69 29.95
CA PHE B 190 -9.62 -8.79 30.17
C PHE B 190 -9.50 -8.54 31.66
N SER B 191 -8.27 -8.49 32.21
CA SER B 191 -8.06 -8.31 33.67
C SER B 191 -8.13 -6.85 34.11
N GLU B 192 -8.50 -6.68 35.37
CA GLU B 192 -8.50 -5.40 36.09
C GLU B 192 -7.12 -4.91 36.45
N GLU B 193 -6.22 -5.85 36.73
CA GLU B 193 -4.85 -5.55 37.19
C GLU B 193 -4.01 -5.10 36.01
N GLY B 194 -4.26 -5.68 34.84
CA GLY B 194 -3.57 -5.29 33.60
C GLY B 194 -4.25 -4.14 32.86
N TYR B 195 -5.00 -4.52 31.83
CA TYR B 195 -5.73 -3.59 30.99
C TYR B 195 -6.52 -2.56 31.85
N GLY B 196 -7.22 -3.03 32.86
CA GLY B 196 -7.98 -2.14 33.69
C GLY B 196 -7.16 -1.06 34.42
N SER B 197 -5.85 -1.22 34.61
CA SER B 197 -5.06 -0.24 35.38
C SER B 197 -4.41 0.85 34.50
N VAL B 198 -4.53 0.79 33.18
CA VAL B 198 -3.90 1.73 32.29
C VAL B 198 -4.77 2.96 32.03
N GLN B 199 -4.19 4.16 31.93
CA GLN B 199 -4.95 5.32 31.57
C GLN B 199 -5.51 5.12 30.14
N ARG B 200 -6.69 5.65 29.88
CA ARG B 200 -7.30 5.60 28.58
C ARG B 200 -8.18 6.82 28.22
N VAL B 201 -8.09 7.25 26.98
CA VAL B 201 -8.93 8.33 26.44
C VAL B 201 -9.63 7.82 25.16
N TYR B 202 -10.71 8.51 24.71
CA TYR B 202 -11.50 8.11 23.51
C TYR B 202 -11.50 9.32 22.51
N VAL B 203 -11.06 9.11 21.29
CA VAL B 203 -11.17 10.15 20.23
C VAL B 203 -12.23 9.69 19.19
N MET B 204 -13.31 10.44 18.99
CA MET B 204 -14.37 10.09 18.04
C MET B 204 -14.54 11.05 16.85
N SER B 205 -15.00 10.54 15.73
CA SER B 205 -15.40 11.33 14.56
C SER B 205 -16.89 11.62 14.56
N SER B 206 -17.36 12.78 14.12
CA SER B 206 -18.82 13.09 14.16
C SER B 206 -19.60 12.41 13.04
N GLU B 207 -18.93 12.09 11.93
CA GLU B 207 -19.57 11.47 10.72
C GLU B 207 -19.02 10.07 10.43
N ASP B 208 -18.69 9.35 11.47
CA ASP B 208 -18.34 7.94 11.35
C ASP B 208 -19.64 7.14 11.04
N LYS B 209 -19.82 6.57 9.83
CA LYS B 209 -20.99 5.74 9.54
C LYS B 209 -20.80 4.23 9.87
N ILE B 210 -19.74 3.86 10.56
CA ILE B 210 -19.56 2.49 11.03
C ILE B 210 -19.80 2.38 12.52
N ILE B 211 -19.13 3.20 13.30
CA ILE B 211 -19.28 3.27 14.76
C ILE B 211 -20.12 4.52 15.12
N PRO B 212 -21.45 4.39 15.19
CA PRO B 212 -22.28 5.59 15.53
C PRO B 212 -22.08 6.06 17.01
N CYS B 213 -22.26 7.37 17.26
CA CYS B 213 -22.20 8.04 18.58
C CYS B 213 -22.93 7.27 19.70
N ASP B 214 -24.25 7.18 19.53
CA ASP B 214 -25.14 6.18 20.08
C ASP B 214 -24.38 4.99 20.77
N PHE B 215 -23.66 4.24 19.95
CA PHE B 215 -22.96 3.05 20.34
C PHE B 215 -21.67 3.33 21.18
N ILE B 216 -20.96 4.37 20.78
CA ILE B 216 -19.80 4.82 21.55
C ILE B 216 -20.18 5.19 22.99
N ARG B 217 -21.27 5.92 23.18
CA ARG B 217 -21.76 6.39 24.50
C ARG B 217 -22.10 5.18 25.33
N TRP B 218 -22.64 4.17 24.65
CA TRP B 218 -22.93 2.95 25.35
C TRP B 218 -21.66 2.24 25.84
N MET B 219 -20.66 2.09 24.96
CA MET B 219 -19.36 1.45 25.36
C MET B 219 -18.65 2.21 26.53
N ILE B 220 -18.66 3.55 26.47
CA ILE B 220 -18.07 4.43 27.48
C ILE B 220 -18.83 4.36 28.81
N ASP B 221 -20.12 4.17 28.71
CA ASP B 221 -20.95 3.97 29.87
C ASP B 221 -20.59 2.67 30.58
N ASN B 222 -20.34 1.61 29.81
CA ASN B 222 -19.98 0.29 30.40
C ASN B 222 -18.61 0.31 31.01
N PHE B 223 -17.79 1.26 30.54
CA PHE B 223 -16.38 1.26 30.87
C PHE B 223 -15.79 2.65 30.60
N ASN B 224 -15.67 3.46 31.67
CA ASN B 224 -15.36 4.92 31.60
C ASN B 224 -13.98 5.18 31.02
N VAL B 225 -13.80 6.36 30.42
CA VAL B 225 -12.49 6.87 29.99
C VAL B 225 -12.25 8.15 30.74
N SER B 226 -10.99 8.60 30.83
CA SER B 226 -10.64 9.91 31.42
C SER B 226 -11.16 11.09 30.71
N LYS B 227 -11.24 10.98 29.40
CA LYS B 227 -11.52 12.09 28.58
C LYS B 227 -11.95 11.67 27.18
N VAL B 228 -12.87 12.45 26.59
CA VAL B 228 -13.34 12.24 25.22
C VAL B 228 -12.98 13.43 24.33
N TYR B 229 -12.52 13.19 23.13
CA TYR B 229 -12.14 14.23 22.13
C TYR B 229 -12.96 14.01 20.90
N GLU B 230 -13.31 15.09 20.19
CA GLU B 230 -14.17 14.98 19.03
C GLU B 230 -13.57 15.65 17.81
N ILE B 231 -13.59 14.94 16.67
CA ILE B 231 -13.16 15.46 15.39
C ILE B 231 -14.35 15.70 14.48
N ASP B 232 -14.69 16.96 14.43
CA ASP B 232 -15.79 17.49 13.64
C ASP B 232 -15.54 17.20 12.11
N GLY B 233 -16.50 16.58 11.42
CA GLY B 233 -16.36 16.27 10.02
C GLY B 233 -15.57 15.05 9.59
N GLY B 234 -14.90 14.35 10.49
CA GLY B 234 -14.25 13.09 10.21
C GLY B 234 -15.18 11.95 9.85
N ASP B 235 -14.82 11.17 8.82
CA ASP B 235 -15.46 9.87 8.58
C ASP B 235 -14.75 8.81 9.39
N HIS B 236 -15.11 7.53 9.21
CA HIS B 236 -14.48 6.46 9.95
C HIS B 236 -12.97 6.48 9.75
N MET B 237 -12.51 6.68 8.53
CA MET B 237 -11.04 6.74 8.19
C MET B 237 -10.44 8.16 8.42
N VAL B 238 -10.51 8.56 9.70
CA VAL B 238 -10.24 9.90 10.09
C VAL B 238 -8.79 10.35 9.89
N MET B 239 -7.85 9.40 9.92
CA MET B 239 -6.43 9.65 9.56
C MET B 239 -6.19 9.98 8.06
N LEU B 240 -7.15 9.60 7.19
CA LEU B 240 -7.22 9.97 5.78
C LEU B 240 -8.10 11.20 5.44
N SER B 241 -9.23 11.39 6.14
CA SER B 241 -10.16 12.49 5.84
C SER B 241 -9.85 13.77 6.55
N LYS B 242 -9.29 13.68 7.76
CA LYS B 242 -8.92 14.82 8.61
C LYS B 242 -7.58 14.68 9.30
N PRO B 243 -6.50 14.43 8.57
CA PRO B 243 -5.30 14.12 9.38
C PRO B 243 -4.80 15.24 10.33
N GLN B 244 -4.90 16.51 9.92
CA GLN B 244 -4.48 17.67 10.71
C GLN B 244 -5.29 17.76 12.03
N LYS B 245 -6.59 17.57 11.96
CA LYS B 245 -7.38 17.54 13.15
C LYS B 245 -7.13 16.38 14.08
N LEU B 246 -6.72 15.24 13.53
CA LEU B 246 -6.29 14.11 14.30
C LEU B 246 -4.96 14.40 14.99
N PHE B 247 -4.05 15.04 14.22
CA PHE B 247 -2.82 15.55 14.81
C PHE B 247 -3.09 16.45 16.03
N ASP B 248 -4.10 17.32 15.94
CA ASP B 248 -4.37 18.31 17.00
C ASP B 248 -4.88 17.63 18.27
N SER B 249 -5.76 16.64 18.10
CA SER B 249 -6.22 15.80 19.19
C SER B 249 -5.07 15.02 19.86
N LEU B 250 -4.20 14.42 19.05
CA LEU B 250 -3.06 13.69 19.58
C LEU B 250 -2.02 14.60 20.34
N SER B 251 -1.77 15.83 19.87
CA SER B 251 -0.95 16.79 20.60
C SER B 251 -1.52 17.14 21.95
N ALA B 252 -2.83 17.38 21.98
CA ALA B 252 -3.49 17.76 23.20
C ALA B 252 -3.44 16.59 24.20
N ILE B 253 -3.63 15.36 23.70
CA ILE B 253 -3.41 14.14 24.54
C ILE B 253 -1.98 14.11 25.04
N ALA B 254 -0.98 14.30 24.16
CA ALA B 254 0.41 14.42 24.58
C ALA B 254 0.66 15.43 25.69
N THR B 255 0.04 16.57 25.58
CA THR B 255 0.22 17.59 26.57
C THR B 255 -0.40 17.26 27.92
N ASP B 256 -1.56 16.63 27.95
CA ASP B 256 -2.06 16.04 29.23
C ASP B 256 -1.22 14.88 29.86
N TYR B 257 -0.30 14.23 29.15
CA TYR B 257 0.52 13.10 29.72
C TYR B 257 2.03 13.40 29.65
N MET B 258 2.36 14.69 29.66
CA MET B 258 3.72 15.22 29.94
C MET B 258 4.27 14.59 31.20
N GLY B 259 3.43 14.53 32.25
CA GLY B 259 3.70 13.75 33.48
C GLY B 259 3.19 12.32 33.31
C1 MXN C . 13.68 0.64 -9.12
C2 MXN C . 14.86 1.34 -9.32
C3 MXN C . 15.91 1.10 -8.45
C4 MXN C . 15.77 0.18 -7.41
C5 MXN C . 14.58 -0.52 -7.23
C6 MXN C . 13.53 -0.27 -8.10
C7 MXN C . 12.51 0.86 -9.98
C8 MXN C . 12.42 -0.13 -11.08
N9 MXN C . 12.33 -0.88 -11.90
O10 MXN C . 12.45 2.24 -10.41
C1 GOL D . 16.42 -17.57 -12.20
O1 GOL D . 15.89 -16.24 -12.27
C2 GOL D . 16.64 -18.18 -13.58
O2 GOL D . 17.31 -19.41 -13.42
C3 GOL D . 15.34 -18.49 -14.31
O3 GOL D . 15.59 -18.90 -15.66
C1' HBX E . -18.87 -5.83 13.78
O1' HBX E . -19.97 -5.70 13.29
C1 HBX E . -17.86 -4.91 13.30
C2 HBX E . -16.57 -5.11 13.72
C3 HBX E . -15.58 -4.28 13.25
C4 HBX E . -15.89 -3.26 12.37
C5 HBX E . -17.20 -3.07 11.94
C6 HBX E . -18.20 -3.91 12.41
C1 MXN F . -13.69 -2.29 9.29
C2 MXN F . -13.25 -3.19 8.31
C3 MXN F . -14.16 -3.87 7.52
C4 MXN F . -15.52 -3.66 7.72
C5 MXN F . -15.97 -2.75 8.70
C6 MXN F . -15.06 -2.06 9.48
C7 MXN F . -12.65 -1.57 10.06
C8 MXN F . -12.18 -2.33 11.26
N9 MXN F . -11.80 -2.92 12.17
O10 MXN F . -13.11 -0.22 10.33
#